data_7PO6
#
_entry.id   7PO6
#
_cell.length_a   78.438
_cell.length_b   85.119
_cell.length_c   88.617
_cell.angle_alpha   90.000
_cell.angle_beta   90.000
_cell.angle_gamma   90.000
#
_symmetry.space_group_name_H-M   'P 21 21 21'
#
loop_
_entity.id
_entity.type
_entity.pdbx_description
1 polymer "RNA (5'-R(*(6MZ)P*UP*C)-3')"
2 polymer 'Isoform 2 of YTH domain-containing protein 1'
3 non-polymer "GUANOSINE-5'-TRIPHOSPHATE"
4 non-polymer 1,2-ETHANEDIOL
5 non-polymer 'SULFATE ION'
6 non-polymer 'SODIUM ION'
7 water water
#
loop_
_entity_poly.entity_id
_entity_poly.type
_entity_poly.pdbx_seq_one_letter_code
_entity_poly.pdbx_strand_id
1 'polyribonucleotide' GGCGC(6MZ)UCGGCGCC D,E,F
2 'polypeptide(L)'
;GGGGTSKLKYVLQDARFFLIKSNNHENVSLAKAKGVWSTLPVNEKKLNLAFRSARSVILIFSVRESGKFQGFARLSSESH
HGGSPIHWVLPAGMSAKMLGGVFKIDWICRRELPFTKSAHLTNPWNEHKPVKIGRDGQEIELECGTQLCLLFPPDESIDL
YQVIHKMRH
;
B,A,C
#
# COMPACT_ATOMS: atom_id res chain seq x y z
N GLY B 3 -18.69 9.69 -31.79
CA GLY B 3 -18.95 8.26 -31.72
C GLY B 3 -18.70 7.85 -30.31
N GLY B 4 -17.47 7.39 -30.02
CA GLY B 4 -16.96 7.48 -28.66
C GLY B 4 -16.78 8.93 -28.23
N THR B 5 -16.38 9.78 -29.19
CA THR B 5 -16.26 11.20 -28.91
C THR B 5 -17.61 11.86 -28.62
N SER B 6 -18.69 11.34 -29.23
CA SER B 6 -20.01 11.93 -28.97
C SER B 6 -20.49 11.59 -27.57
N LYS B 7 -20.33 10.34 -27.14
CA LYS B 7 -20.70 9.99 -25.77
C LYS B 7 -19.90 10.82 -24.77
N LEU B 8 -18.60 10.96 -25.01
CA LEU B 8 -17.77 11.76 -24.12
C LEU B 8 -18.23 13.22 -24.13
N LYS B 9 -18.52 13.77 -25.29
CA LYS B 9 -19.03 15.14 -25.35
C LYS B 9 -20.29 15.32 -24.51
N TYR B 10 -21.18 14.31 -24.51
CA TYR B 10 -22.37 14.35 -23.66
C TYR B 10 -22.02 14.40 -22.18
N VAL B 11 -21.01 13.65 -21.75
CA VAL B 11 -20.61 13.66 -20.34
C VAL B 11 -20.01 15.00 -19.96
N LEU B 12 -19.23 15.60 -20.86
CA LEU B 12 -18.57 16.87 -20.60
C LEU B 12 -19.46 18.11 -20.80
N GLN B 13 -20.66 17.96 -21.36
CA GLN B 13 -21.46 19.14 -21.68
C GLN B 13 -21.75 19.96 -20.42
N ASP B 14 -21.46 21.25 -20.50
CA ASP B 14 -21.70 22.18 -19.40
C ASP B 14 -21.02 21.74 -18.10
N ALA B 15 -19.94 20.99 -18.19
CA ALA B 15 -19.29 20.57 -16.97
C ALA B 15 -18.45 21.70 -16.37
N ARG B 16 -18.17 21.57 -15.08
CA ARG B 16 -17.09 22.33 -14.47
C ARG B 16 -15.90 21.39 -14.34
N PHE B 17 -14.71 21.91 -14.63
CA PHE B 17 -13.46 21.14 -14.71
C PHE B 17 -12.49 21.59 -13.64
N PHE B 18 -11.90 20.63 -12.91
CA PHE B 18 -10.93 20.95 -11.88
C PHE B 18 -9.68 20.10 -12.05
N LEU B 19 -8.54 20.77 -12.08
CA LEU B 19 -7.26 20.10 -11.97
C LEU B 19 -7.09 19.47 -10.58
N ILE B 20 -6.76 18.19 -10.53
CA ILE B 20 -6.43 17.51 -9.26
C ILE B 20 -4.95 17.17 -9.30
N LYS B 21 -4.21 17.61 -8.28
CA LYS B 21 -2.80 17.26 -8.15
C LYS B 21 -2.62 16.29 -6.99
N SER B 22 -1.73 15.32 -7.21
CA SER B 22 -1.29 14.37 -6.18
C SER B 22 0.21 14.48 -5.98
N ASN B 23 0.64 14.55 -4.71
CA ASN B 23 2.07 14.51 -4.50
C ASN B 23 2.68 13.13 -4.81
N ASN B 24 1.88 12.08 -4.95
CA ASN B 24 2.45 10.78 -5.25
CA ASN B 24 2.43 10.75 -5.21
C ASN B 24 1.61 10.00 -6.26
N HIS B 25 2.27 9.01 -6.88
CA HIS B 25 1.59 8.12 -7.81
C HIS B 25 0.65 7.20 -7.10
N GLU B 26 0.98 6.79 -5.88
CA GLU B 26 0.22 5.74 -5.22
C GLU B 26 -1.25 6.10 -5.03
N ASN B 27 -1.54 7.35 -4.63
CA ASN B 27 -2.94 7.68 -4.37
C ASN B 27 -3.77 7.73 -5.64
N VAL B 28 -3.15 8.11 -6.75
CA VAL B 28 -3.87 8.08 -8.02
C VAL B 28 -4.18 6.64 -8.41
N SER B 29 -3.22 5.72 -8.21
CA SER B 29 -3.51 4.31 -8.45
C SER B 29 -4.61 3.82 -7.53
N LEU B 30 -4.56 4.24 -6.26
CA LEU B 30 -5.60 3.85 -5.31
C LEU B 30 -6.94 4.37 -5.77
N ALA B 31 -6.97 5.60 -6.27
CA ALA B 31 -8.21 6.20 -6.76
C ALA B 31 -8.73 5.45 -7.99
N LYS B 32 -7.82 4.98 -8.85
CA LYS B 32 -8.23 4.22 -10.01
C LYS B 32 -8.79 2.88 -9.60
N ALA B 33 -8.27 2.33 -8.50
CA ALA B 33 -8.66 0.99 -8.07
C ALA B 33 -10.04 1.02 -7.45
N LYS B 34 -10.29 2.05 -6.60
CA LYS B 34 -11.47 2.07 -5.77
C LYS B 34 -12.49 3.14 -6.16
N GLY B 35 -12.20 4.01 -7.12
CA GLY B 35 -13.22 4.98 -7.54
C GLY B 35 -13.54 6.00 -6.46
N VAL B 36 -12.49 6.50 -5.77
CA VAL B 36 -12.65 7.47 -4.69
C VAL B 36 -11.54 8.50 -4.79
N TRP B 37 -11.80 9.67 -4.19
CA TRP B 37 -10.76 10.68 -4.04
C TRP B 37 -11.03 11.46 -2.77
N SER B 38 -9.96 11.96 -2.19
CA SER B 38 -10.03 12.96 -1.13
C SER B 38 -9.09 14.08 -1.50
N THR B 39 -9.44 15.29 -1.06
CA THR B 39 -8.61 16.47 -1.31
C THR B 39 -8.58 17.29 -0.03
N LEU B 40 -7.81 18.36 -0.06
CA LEU B 40 -7.60 19.19 1.12
C LEU B 40 -8.82 20.08 1.34
N PRO B 41 -8.89 20.77 2.49
CA PRO B 41 -10.19 21.32 2.93
C PRO B 41 -10.83 22.35 2.01
N VAL B 42 -10.08 23.32 1.48
CA VAL B 42 -10.73 24.33 0.64
C VAL B 42 -11.29 23.67 -0.61
N ASN B 43 -10.51 22.77 -1.23
CA ASN B 43 -11.01 22.08 -2.42
C ASN B 43 -12.19 21.19 -2.13
N GLU B 44 -12.25 20.60 -0.93
CA GLU B 44 -13.36 19.71 -0.61
C GLU B 44 -14.67 20.48 -0.64
N LYS B 45 -14.68 21.69 -0.09
CA LYS B 45 -15.90 22.49 -0.10
C LYS B 45 -16.23 22.97 -1.51
N LYS B 46 -15.21 23.42 -2.24
CA LYS B 46 -15.37 23.82 -3.64
C LYS B 46 -16.05 22.72 -4.46
N LEU B 47 -15.58 21.46 -4.32
CA LEU B 47 -16.09 20.37 -5.13
C LEU B 47 -17.48 19.96 -4.70
N ASN B 48 -17.74 19.98 -3.39
CA ASN B 48 -19.09 19.68 -2.91
C ASN B 48 -20.08 20.68 -3.47
N LEU B 49 -19.70 21.95 -3.52
CA LEU B 49 -20.58 23.00 -4.02
C LEU B 49 -20.79 22.82 -5.50
N ALA B 50 -19.73 22.48 -6.23
CA ALA B 50 -19.87 22.31 -7.68
C ALA B 50 -20.70 21.07 -8.00
N PHE B 51 -20.50 19.98 -7.25
CA PHE B 51 -21.28 18.78 -7.47
C PHE B 51 -22.78 19.07 -7.41
N ARG B 52 -23.18 19.95 -6.50
CA ARG B 52 -24.59 20.22 -6.30
C ARG B 52 -25.16 21.11 -7.39
N SER B 53 -24.35 22.03 -7.94
CA SER B 53 -24.81 23.04 -8.87
C SER B 53 -24.54 22.72 -10.35
N ALA B 54 -23.63 21.81 -10.68
CA ALA B 54 -23.22 21.64 -12.06
C ALA B 54 -23.74 20.32 -12.64
N ARG B 55 -23.99 20.34 -13.94
CA ARG B 55 -24.46 19.15 -14.63
C ARG B 55 -23.50 18.01 -14.44
N SER B 56 -22.21 18.30 -14.57
CA SER B 56 -21.13 17.35 -14.39
C SER B 56 -19.97 18.09 -13.79
N VAL B 57 -19.25 17.42 -12.88
CA VAL B 57 -17.96 17.90 -12.40
C VAL B 57 -16.90 16.88 -12.81
N ILE B 58 -15.86 17.36 -13.48
CA ILE B 58 -14.82 16.54 -14.05
C ILE B 58 -13.52 16.86 -13.36
N LEU B 59 -12.82 15.83 -12.89
CA LEU B 59 -11.53 15.94 -12.21
C LEU B 59 -10.48 15.43 -13.15
N ILE B 60 -9.48 16.25 -13.44
CA ILE B 60 -8.39 15.88 -14.35
C ILE B 60 -7.13 15.76 -13.50
N PHE B 61 -6.58 14.55 -13.44
CA PHE B 61 -5.54 14.22 -12.50
C PHE B 61 -4.16 14.41 -13.10
N SER B 62 -3.24 14.94 -12.27
CA SER B 62 -1.85 15.08 -12.67
C SER B 62 -0.97 14.93 -11.45
N VAL B 63 -0.05 13.94 -11.48
CA VAL B 63 0.86 13.72 -10.37
C VAL B 63 1.91 14.82 -10.38
N ARG B 64 2.12 15.41 -9.22
CA ARG B 64 3.07 16.51 -9.13
C ARG B 64 4.46 16.07 -9.61
N GLU B 65 5.05 16.89 -10.48
CA GLU B 65 6.35 16.70 -11.13
C GLU B 65 6.41 15.53 -12.11
N SER B 66 5.29 14.89 -12.45
CA SER B 66 5.32 13.77 -13.40
C SER B 66 5.36 14.18 -14.86
N GLY B 67 5.11 15.45 -15.18
CA GLY B 67 5.09 15.89 -16.55
C GLY B 67 3.92 15.37 -17.38
N LYS B 68 2.89 14.84 -16.73
CA LYS B 68 1.77 14.22 -17.43
C LYS B 68 0.50 14.41 -16.63
N PHE B 69 -0.63 14.17 -17.31
CA PHE B 69 -1.88 13.83 -16.65
C PHE B 69 -2.05 12.32 -16.68
N GLN B 70 -2.72 11.78 -15.68
CA GLN B 70 -2.91 10.35 -15.53
C GLN B 70 -4.32 9.90 -15.83
N GLY B 71 -5.22 10.84 -16.18
CA GLY B 71 -6.59 10.46 -16.49
C GLY B 71 -7.58 11.51 -16.01
N PHE B 72 -8.86 11.23 -16.21
CA PHE B 72 -9.89 12.08 -15.69
C PHE B 72 -11.14 11.26 -15.39
N ALA B 73 -11.97 11.84 -14.53
CA ALA B 73 -13.07 11.12 -13.92
C ALA B 73 -14.19 12.10 -13.65
N ARG B 74 -15.39 11.56 -13.54
CA ARG B 74 -16.56 12.35 -13.17
C ARG B 74 -16.81 12.21 -11.67
N LEU B 75 -17.01 13.34 -11.01
CA LEU B 75 -17.40 13.34 -9.61
C LEU B 75 -18.81 12.77 -9.49
N SER B 76 -18.98 11.78 -8.64
CA SER B 76 -20.28 11.11 -8.58
C SER B 76 -20.95 11.21 -7.21
N SER B 77 -20.33 11.87 -6.24
CA SER B 77 -20.99 12.15 -4.97
C SER B 77 -20.32 13.33 -4.31
N GLU B 78 -21.00 13.90 -3.30
CA GLU B 78 -20.32 14.75 -2.36
C GLU B 78 -19.42 13.90 -1.46
N SER B 79 -18.55 14.58 -0.72
CA SER B 79 -17.65 13.91 0.19
C SER B 79 -18.41 13.33 1.38
N HIS B 80 -18.08 12.09 1.71
CA HIS B 80 -18.72 11.33 2.78
C HIS B 80 -17.69 11.13 3.89
N HIS B 81 -18.07 11.45 5.13
CA HIS B 81 -17.23 11.28 6.30
C HIS B 81 -17.73 10.10 7.12
N GLY B 82 -16.81 9.49 7.86
CA GLY B 82 -17.14 8.41 8.75
C GLY B 82 -17.54 7.11 8.10
N GLY B 83 -17.46 7.02 6.77
CA GLY B 83 -17.65 5.74 6.10
C GLY B 83 -16.45 4.83 6.28
N SER B 84 -16.42 3.77 5.46
CA SER B 84 -15.28 2.88 5.39
C SER B 84 -14.05 3.69 4.99
N PRO B 85 -12.98 3.70 5.78
CA PRO B 85 -11.91 4.68 5.55
C PRO B 85 -10.92 4.25 4.47
N ILE B 86 -10.31 5.27 3.85
CA ILE B 86 -9.27 5.10 2.84
C ILE B 86 -7.95 5.53 3.47
N HIS B 87 -6.97 4.63 3.41
CA HIS B 87 -5.64 4.86 3.95
C HIS B 87 -4.77 5.38 2.80
N TRP B 88 -4.89 6.67 2.55
CA TRP B 88 -4.08 7.34 1.55
C TRP B 88 -2.61 7.37 1.95
N VAL B 89 -1.75 7.43 0.95
CA VAL B 89 -0.33 7.62 1.20
C VAL B 89 -0.15 9.11 1.45
N LEU B 90 0.10 9.46 2.70
CA LEU B 90 0.20 10.86 3.03
C LEU B 90 1.57 11.41 2.67
N PRO B 91 1.63 12.58 2.06
CA PRO B 91 2.91 13.26 1.89
C PRO B 91 3.40 13.82 3.22
N ALA B 92 4.72 13.94 3.32
CA ALA B 92 5.37 14.57 4.46
C ALA B 92 4.62 15.82 4.91
N GLY B 93 4.19 15.82 6.17
CA GLY B 93 3.50 16.97 6.73
C GLY B 93 2.01 17.02 6.51
N MET B 94 1.44 16.08 5.78
CA MET B 94 -0.01 15.99 5.58
C MET B 94 -0.59 14.94 6.52
N SER B 95 -1.49 15.35 7.41
CA SER B 95 -2.16 14.42 8.29
C SER B 95 -3.39 13.81 7.60
N ALA B 96 -3.83 12.64 8.11
CA ALA B 96 -5.01 12.02 7.51
C ALA B 96 -6.22 12.94 7.64
N LYS B 97 -6.22 13.78 8.67
CA LYS B 97 -7.38 14.63 8.90
C LYS B 97 -7.45 15.75 7.88
N MET B 98 -6.31 16.21 7.38
CA MET B 98 -6.32 17.20 6.30
C MET B 98 -7.00 16.69 5.04
N LEU B 99 -7.03 15.38 4.81
CA LEU B 99 -7.69 14.83 3.63
C LEU B 99 -9.08 14.28 3.95
N GLY B 100 -9.61 14.56 5.13
CA GLY B 100 -10.88 13.97 5.50
C GLY B 100 -11.97 14.17 4.48
N GLY B 101 -12.84 13.17 4.32
CA GLY B 101 -13.96 13.28 3.40
C GLY B 101 -13.67 12.55 2.10
N VAL B 102 -14.49 11.57 1.74
CA VAL B 102 -14.22 10.71 0.58
C VAL B 102 -15.30 10.94 -0.45
N PHE B 103 -14.88 11.29 -1.68
CA PHE B 103 -15.78 11.47 -2.82
C PHE B 103 -15.79 10.18 -3.61
N LYS B 104 -16.96 9.79 -4.10
CA LYS B 104 -17.02 8.77 -5.14
C LYS B 104 -16.72 9.44 -6.48
N ILE B 105 -15.92 8.77 -7.31
CA ILE B 105 -15.67 9.22 -8.66
C ILE B 105 -15.79 8.05 -9.62
N ASP B 106 -16.11 8.39 -10.87
CA ASP B 106 -16.32 7.41 -11.93
C ASP B 106 -15.30 7.74 -13.01
N TRP B 107 -14.28 6.88 -13.15
CA TRP B 107 -13.24 7.16 -14.13
C TRP B 107 -13.81 7.16 -15.54
N ILE B 108 -13.39 8.13 -16.34
CA ILE B 108 -13.75 8.15 -17.76
C ILE B 108 -12.61 7.64 -18.61
N CYS B 109 -11.38 7.93 -18.20
CA CYS B 109 -10.17 7.56 -18.92
C CYS B 109 -9.06 7.42 -17.89
N ARG B 110 -8.41 6.27 -17.85
CA ARG B 110 -7.28 6.11 -16.95
C ARG B 110 -5.96 6.06 -17.71
N ARG B 111 -5.95 6.48 -18.97
CA ARG B 111 -4.75 6.59 -19.78
C ARG B 111 -4.03 7.91 -19.54
N GLU B 112 -2.74 7.91 -19.78
CA GLU B 112 -1.92 9.09 -19.59
C GLU B 112 -2.01 10.04 -20.77
N LEU B 113 -1.80 11.32 -20.50
CA LEU B 113 -1.65 12.35 -21.53
C LEU B 113 -0.43 13.19 -21.18
N PRO B 114 0.63 13.14 -21.97
CA PRO B 114 1.82 13.95 -21.65
C PRO B 114 1.53 15.43 -21.83
N PHE B 115 2.21 16.26 -21.03
CA PHE B 115 1.98 17.70 -21.10
C PHE B 115 2.31 18.25 -22.49
N THR B 116 3.27 17.62 -23.20
CA THR B 116 3.57 18.06 -24.56
C THR B 116 2.34 18.03 -25.46
N LYS B 117 1.41 17.11 -25.23
CA LYS B 117 0.22 17.05 -26.08
C LYS B 117 -0.83 18.10 -25.74
N SER B 118 -0.66 18.81 -24.63
CA SER B 118 -1.58 19.87 -24.22
C SER B 118 -0.93 21.24 -24.35
N ALA B 119 0.17 21.35 -25.10
CA ALA B 119 0.96 22.57 -25.10
C ALA B 119 0.23 23.75 -25.74
N HIS B 120 -0.77 23.49 -26.54
CA HIS B 120 -1.53 24.55 -27.19
C HIS B 120 -2.70 25.06 -26.36
N LEU B 121 -2.87 24.55 -25.13
CA LEU B 121 -4.03 24.88 -24.32
C LEU B 121 -3.55 25.69 -23.13
N THR B 122 -4.14 26.87 -22.98
CA THR B 122 -3.99 27.69 -21.80
C THR B 122 -5.35 27.84 -21.14
N ASN B 123 -5.29 28.09 -19.83
CA ASN B 123 -6.49 28.22 -19.02
C ASN B 123 -6.71 29.68 -18.75
N PRO B 124 -7.65 30.36 -19.43
CA PRO B 124 -7.86 31.77 -19.13
C PRO B 124 -8.27 32.03 -17.69
N TRP B 125 -8.76 31.03 -16.96
CA TRP B 125 -9.12 31.28 -15.58
C TRP B 125 -7.93 31.10 -14.62
N ASN B 126 -6.73 30.84 -15.12
CA ASN B 126 -5.53 30.88 -14.29
C ASN B 126 -4.50 31.79 -14.98
N GLU B 127 -4.90 33.05 -15.19
CA GLU B 127 -4.00 34.06 -15.77
C GLU B 127 -3.44 33.62 -17.11
N HIS B 128 -4.19 32.83 -17.87
CA HIS B 128 -3.82 32.45 -19.23
C HIS B 128 -2.53 31.65 -19.27
N LYS B 129 -2.24 30.94 -18.17
CA LYS B 129 -1.11 30.04 -18.13
C LYS B 129 -1.47 28.70 -18.77
N PRO B 130 -0.46 28.01 -19.37
CA PRO B 130 -0.67 26.64 -19.89
C PRO B 130 -1.48 25.80 -18.91
N VAL B 131 -2.39 24.98 -19.42
CA VAL B 131 -3.33 24.31 -18.53
C VAL B 131 -2.59 23.32 -17.64
N LYS B 132 -1.37 22.91 -18.00
CA LYS B 132 -0.60 22.04 -17.14
C LYS B 132 -0.16 22.74 -15.86
N ILE B 133 -0.21 24.06 -15.83
CA ILE B 133 0.18 24.79 -14.62
C ILE B 133 -1.05 25.06 -13.75
N GLY B 134 -0.98 24.63 -12.50
CA GLY B 134 -2.02 24.99 -11.56
C GLY B 134 -1.87 24.20 -10.28
N ARG B 135 -2.28 24.83 -9.17
CA ARG B 135 -2.38 24.17 -7.89
C ARG B 135 -3.49 23.13 -7.93
N ASP B 136 -3.40 22.17 -7.00
CA ASP B 136 -4.54 21.31 -6.67
C ASP B 136 -5.84 22.11 -6.61
N GLY B 137 -6.85 21.65 -7.36
CA GLY B 137 -8.17 22.24 -7.33
C GLY B 137 -8.40 23.39 -8.29
N GLN B 138 -7.37 23.80 -9.01
CA GLN B 138 -7.54 24.92 -9.96
C GLN B 138 -8.63 24.62 -10.96
N GLU B 139 -9.61 25.54 -11.08
CA GLU B 139 -10.72 25.32 -11.98
C GLU B 139 -10.28 25.70 -13.41
N ILE B 140 -10.74 24.93 -14.37
CA ILE B 140 -10.33 25.11 -15.76
C ILE B 140 -11.52 25.62 -16.55
N GLU B 141 -11.29 26.65 -17.34
CA GLU B 141 -12.34 27.24 -18.17
C GLU B 141 -12.92 26.17 -19.09
N LEU B 142 -14.22 26.30 -19.35
CA LEU B 142 -15.05 25.28 -20.01
C LEU B 142 -14.42 24.76 -21.29
N GLU B 143 -14.11 25.66 -22.25
CA GLU B 143 -13.64 25.17 -23.55
C GLU B 143 -12.25 24.54 -23.40
N CYS B 144 -11.37 25.19 -22.64
CA CYS B 144 -10.05 24.63 -22.38
C CYS B 144 -10.16 23.24 -21.75
N GLY B 145 -10.97 23.11 -20.70
CA GLY B 145 -11.15 21.81 -20.05
C GLY B 145 -11.74 20.74 -20.95
N THR B 146 -12.76 21.11 -21.73
CA THR B 146 -13.35 20.16 -22.68
C THR B 146 -12.31 19.64 -23.68
N GLN B 147 -11.51 20.55 -24.23
CA GLN B 147 -10.50 20.13 -25.21
C GLN B 147 -9.42 19.28 -24.53
N LEU B 148 -9.03 19.63 -23.30
CA LEU B 148 -8.05 18.82 -22.60
C LEU B 148 -8.51 17.38 -22.48
N CYS B 149 -9.75 17.17 -22.03
CA CYS B 149 -10.28 15.81 -21.94
C CYS B 149 -10.33 15.12 -23.29
N LEU B 150 -10.69 15.86 -24.37
CA LEU B 150 -10.82 15.22 -25.67
C LEU B 150 -9.46 14.85 -26.26
N LEU B 151 -8.36 15.39 -25.70
CA LEU B 151 -7.01 15.03 -26.12
C LEU B 151 -6.58 13.64 -25.64
N PHE B 152 -7.16 13.14 -24.57
CA PHE B 152 -6.72 11.87 -24.01
C PHE B 152 -7.04 10.74 -24.98
N PRO B 153 -6.21 9.71 -25.03
CA PRO B 153 -6.54 8.57 -25.87
C PRO B 153 -7.77 7.85 -25.32
N PRO B 154 -8.48 7.13 -26.18
CA PRO B 154 -9.62 6.33 -25.72
C PRO B 154 -9.16 5.29 -24.73
N ASP B 155 -9.98 5.02 -23.73
CA ASP B 155 -9.68 3.99 -22.75
C ASP B 155 -10.62 2.83 -23.05
N GLU B 156 -10.09 1.78 -23.68
CA GLU B 156 -10.95 0.69 -24.13
C GLU B 156 -11.45 -0.18 -23.02
N SER B 157 -10.96 -0.01 -21.81
CA SER B 157 -11.49 -0.78 -20.70
C SER B 157 -12.61 -0.08 -19.97
N ILE B 158 -12.86 1.20 -20.28
CA ILE B 158 -13.95 1.98 -19.68
C ILE B 158 -15.10 2.00 -20.68
N ASP B 159 -16.25 1.49 -20.27
CA ASP B 159 -17.45 1.57 -21.08
C ASP B 159 -18.10 2.94 -20.88
N LEU B 160 -18.04 3.77 -21.90
CA LEU B 160 -18.61 5.11 -21.81
C LEU B 160 -20.13 5.06 -21.81
N TYR B 161 -20.73 4.01 -22.38
CA TYR B 161 -22.16 3.78 -22.17
C TYR B 161 -22.48 3.63 -20.69
N GLN B 162 -21.55 3.07 -19.91
CA GLN B 162 -21.81 2.79 -18.50
C GLN B 162 -21.69 4.04 -17.65
N VAL B 163 -20.72 4.90 -17.94
CA VAL B 163 -20.62 6.10 -17.12
C VAL B 163 -21.85 6.97 -17.39
N ILE B 164 -22.36 6.96 -18.62
CA ILE B 164 -23.55 7.73 -18.95
C ILE B 164 -24.78 7.17 -18.24
N HIS B 165 -24.94 5.83 -18.26
CA HIS B 165 -26.05 5.22 -17.55
C HIS B 165 -26.07 5.67 -16.10
N LYS B 166 -24.88 5.77 -15.50
CA LYS B 166 -24.76 6.17 -14.12
C LYS B 166 -25.23 7.59 -13.88
N MET B 167 -25.35 8.41 -14.93
CA MET B 167 -25.92 9.73 -14.67
C MET B 167 -27.43 9.68 -14.44
N ARG B 168 -28.04 8.49 -14.46
CA ARG B 168 -29.36 8.20 -13.88
C ARG B 168 -30.48 8.38 -14.89
N THR C 5 20.39 0.73 -15.10
CA THR C 5 20.38 -0.57 -15.76
C THR C 5 21.11 -1.64 -14.94
N SER C 6 22.30 -1.30 -14.43
CA SER C 6 23.09 -2.28 -13.68
C SER C 6 22.39 -2.71 -12.39
N LYS C 7 21.71 -1.76 -11.72
CA LYS C 7 20.94 -2.09 -10.52
C LYS C 7 19.79 -3.05 -10.83
N LEU C 8 19.12 -2.89 -11.97
CA LEU C 8 18.07 -3.84 -12.35
C LEU C 8 18.64 -5.23 -12.57
N LYS C 9 19.78 -5.33 -13.25
CA LYS C 9 20.33 -6.64 -13.54
C LYS C 9 20.70 -7.36 -12.24
N TYR C 10 21.13 -6.60 -11.22
CA TYR C 10 21.41 -7.19 -9.92
C TYR C 10 20.15 -7.73 -9.26
N VAL C 11 19.05 -6.99 -9.33
CA VAL C 11 17.79 -7.49 -8.75
C VAL C 11 17.31 -8.74 -9.49
N LEU C 12 17.61 -8.86 -10.78
CA LEU C 12 17.10 -9.97 -11.56
C LEU C 12 17.97 -11.20 -11.46
N GLN C 13 19.13 -11.11 -10.81
CA GLN C 13 20.10 -12.19 -10.90
C GLN C 13 19.60 -13.43 -10.19
N ASP C 14 19.64 -14.56 -10.91
CA ASP C 14 19.23 -15.83 -10.33
C ASP C 14 17.80 -15.78 -9.81
N ALA C 15 16.99 -14.93 -10.44
CA ALA C 15 15.61 -14.76 -10.05
C ALA C 15 14.76 -15.87 -10.65
N ARG C 16 13.67 -16.15 -9.96
CA ARG C 16 12.58 -16.91 -10.56
C ARG C 16 11.47 -15.94 -10.93
N PHE C 17 10.80 -16.21 -12.04
CA PHE C 17 9.81 -15.31 -12.64
C PHE C 17 8.48 -16.01 -12.75
N PHE C 18 7.41 -15.27 -12.43
CA PHE C 18 6.06 -15.79 -12.53
C PHE C 18 5.17 -14.77 -13.21
N LEU C 19 4.40 -15.23 -14.18
CA LEU C 19 3.37 -14.41 -14.80
C LEU C 19 2.20 -14.30 -13.84
N ILE C 20 1.71 -13.08 -13.64
CA ILE C 20 0.54 -12.84 -12.80
C ILE C 20 -0.55 -12.28 -13.69
N LYS C 21 -1.71 -12.92 -13.68
CA LYS C 21 -2.83 -12.41 -14.45
C LYS C 21 -3.89 -11.84 -13.51
N SER C 22 -4.50 -10.77 -13.96
CA SER C 22 -5.62 -10.17 -13.27
C SER C 22 -6.80 -10.06 -14.21
N ASN C 23 -7.98 -10.40 -13.69
CA ASN C 23 -9.18 -10.23 -14.48
C ASN C 23 -9.58 -8.77 -14.63
N ASN C 24 -8.98 -7.84 -13.86
CA ASN C 24 -9.39 -6.46 -13.99
C ASN C 24 -8.19 -5.55 -13.77
N HIS C 25 -8.33 -4.33 -14.28
CA HIS C 25 -7.31 -3.31 -14.07
C HIS C 25 -7.27 -2.84 -12.63
N GLU C 26 -8.42 -2.81 -11.95
CA GLU C 26 -8.50 -2.20 -10.62
C GLU C 26 -7.55 -2.87 -9.62
N ASN C 27 -7.48 -4.19 -9.65
CA ASN C 27 -6.63 -4.86 -8.64
C ASN C 27 -5.16 -4.63 -8.90
N VAL C 28 -4.76 -4.46 -10.17
CA VAL C 28 -3.36 -4.10 -10.44
C VAL C 28 -3.08 -2.68 -9.96
N SER C 29 -4.00 -1.73 -10.18
CA SER C 29 -3.79 -0.41 -9.61
CA SER C 29 -3.81 -0.39 -9.62
C SER C 29 -3.74 -0.46 -8.08
N LEU C 30 -4.58 -1.29 -7.46
CA LEU C 30 -4.54 -1.39 -6.00
C LEU C 30 -3.18 -1.93 -5.54
N ALA C 31 -2.66 -2.94 -6.26
CA ALA C 31 -1.34 -3.49 -5.98
C ALA C 31 -0.25 -2.46 -6.13
N LYS C 32 -0.38 -1.58 -7.13
CA LYS C 32 0.58 -0.51 -7.30
C LYS C 32 0.49 0.50 -6.17
N ALA C 33 -0.71 0.73 -5.65
CA ALA C 33 -0.87 1.76 -4.62
C ALA C 33 -0.29 1.31 -3.29
N LYS C 34 -0.47 0.02 -2.97
CA LYS C 34 -0.23 -0.50 -1.62
C LYS C 34 0.90 -1.52 -1.55
N GLY C 35 1.47 -1.91 -2.69
CA GLY C 35 2.60 -2.82 -2.68
C GLY C 35 2.26 -4.19 -2.12
N VAL C 36 1.15 -4.74 -2.58
CA VAL C 36 0.64 -6.03 -2.13
C VAL C 36 0.05 -6.77 -3.31
N TRP C 37 -0.03 -8.10 -3.16
CA TRP C 37 -0.70 -8.96 -4.12
C TRP C 37 -1.25 -10.17 -3.38
N SER C 38 -2.38 -10.65 -3.85
CA SER C 38 -2.97 -11.91 -3.42
C SER C 38 -3.29 -12.73 -4.66
N THR C 39 -3.21 -14.04 -4.53
CA THR C 39 -3.51 -14.94 -5.65
C THR C 39 -4.30 -16.14 -5.11
N LEU C 40 -4.68 -17.03 -6.04
CA LEU C 40 -5.45 -18.21 -5.70
C LEU C 40 -4.57 -19.22 -4.96
N PRO C 41 -5.19 -20.16 -4.26
CA PRO C 41 -4.43 -20.96 -3.29
C PRO C 41 -3.24 -21.71 -3.87
N VAL C 42 -3.39 -22.37 -5.02
CA VAL C 42 -2.26 -23.17 -5.52
C VAL C 42 -1.07 -22.27 -5.81
N ASN C 43 -1.32 -21.10 -6.40
CA ASN C 43 -0.23 -20.17 -6.69
C ASN C 43 0.35 -19.62 -5.41
N GLU C 44 -0.50 -19.33 -4.41
CA GLU C 44 -0.01 -18.84 -3.12
C GLU C 44 1.00 -19.81 -2.52
N LYS C 45 0.71 -21.13 -2.54
CA LYS C 45 1.68 -22.10 -2.02
C LYS C 45 2.98 -22.06 -2.84
N LYS C 46 2.83 -22.04 -4.17
CA LYS C 46 3.98 -22.03 -5.07
C LYS C 46 4.86 -20.80 -4.81
N LEU C 47 4.24 -19.60 -4.71
CA LEU C 47 5.01 -18.39 -4.48
C LEU C 47 5.69 -18.38 -3.10
N ASN C 48 4.99 -18.85 -2.06
CA ASN C 48 5.64 -18.94 -0.74
C ASN C 48 6.88 -19.83 -0.80
N LEU C 49 6.79 -20.96 -1.48
CA LEU C 49 7.95 -21.85 -1.58
C LEU C 49 9.07 -21.21 -2.37
N ALA C 50 8.73 -20.48 -3.44
CA ALA C 50 9.78 -19.85 -4.24
C ALA C 50 10.46 -18.73 -3.50
N PHE C 51 9.71 -17.98 -2.67
CA PHE C 51 10.33 -16.91 -1.91
C PHE C 51 11.46 -17.44 -1.04
N ARG C 52 11.25 -18.60 -0.40
CA ARG C 52 12.26 -19.15 0.51
C ARG C 52 13.43 -19.74 -0.26
N SER C 53 13.16 -20.34 -1.42
CA SER C 53 14.25 -20.98 -2.14
C SER C 53 15.07 -20.01 -2.97
N ALA C 54 14.45 -18.96 -3.53
CA ALA C 54 15.14 -18.19 -4.55
C ALA C 54 15.67 -16.85 -4.04
N ARG C 55 16.75 -16.41 -4.68
CA ARG C 55 17.34 -15.11 -4.36
C ARG C 55 16.36 -13.97 -4.57
N SER C 56 15.56 -14.06 -5.62
CA SER C 56 14.52 -13.08 -5.89
C SER C 56 13.40 -13.80 -6.60
N VAL C 57 12.16 -13.41 -6.30
CA VAL C 57 10.99 -13.87 -7.04
C VAL C 57 10.36 -12.63 -7.66
N ILE C 58 10.19 -12.65 -8.99
CA ILE C 58 9.69 -11.53 -9.79
C ILE C 58 8.31 -11.90 -10.32
N LEU C 59 7.36 -10.99 -10.13
CA LEU C 59 6.00 -11.13 -10.64
C LEU C 59 5.84 -10.14 -11.78
N ILE C 60 5.42 -10.62 -12.93
CA ILE C 60 5.22 -9.81 -14.13
C ILE C 60 3.74 -9.82 -14.38
N PHE C 61 3.13 -8.62 -14.34
CA PHE C 61 1.70 -8.44 -14.35
C PHE C 61 1.17 -8.19 -15.74
N SER C 62 0.06 -8.87 -16.04
CA SER C 62 -0.68 -8.61 -17.27
C SER C 62 -2.18 -8.71 -16.97
N VAL C 63 -2.90 -7.62 -17.25
CA VAL C 63 -4.35 -7.65 -17.11
C VAL C 63 -4.92 -8.45 -18.28
N ARG C 64 -5.76 -9.42 -17.95
CA ARG C 64 -6.44 -10.24 -18.94
C ARG C 64 -7.08 -9.41 -20.04
N GLU C 65 -6.79 -9.79 -21.27
CA GLU C 65 -7.39 -9.22 -22.47
C GLU C 65 -6.94 -7.78 -22.72
N SER C 66 -5.91 -7.31 -22.00
CA SER C 66 -5.43 -5.94 -22.18
C SER C 66 -4.36 -5.81 -23.26
N GLY C 67 -3.80 -6.94 -23.73
CA GLY C 67 -2.74 -6.93 -24.74
C GLY C 67 -1.43 -6.31 -24.30
N LYS C 68 -1.18 -6.23 -22.99
CA LYS C 68 -0.01 -5.56 -22.47
C LYS C 68 0.34 -6.19 -21.14
N PHE C 69 1.59 -5.95 -20.71
CA PHE C 69 2.00 -6.13 -19.31
C PHE C 69 1.94 -4.76 -18.65
N GLN C 70 1.55 -4.73 -17.37
CA GLN C 70 1.41 -3.47 -16.64
C GLN C 70 2.55 -3.20 -15.69
N GLY C 71 3.55 -4.08 -15.63
CA GLY C 71 4.72 -3.81 -14.84
C GLY C 71 5.25 -5.07 -14.17
N PHE C 72 6.25 -4.91 -13.30
CA PHE C 72 6.75 -6.08 -12.58
C PHE C 72 7.33 -5.65 -11.23
N ALA C 73 7.35 -6.62 -10.32
CA ALA C 73 7.62 -6.37 -8.91
C ALA C 73 8.38 -7.55 -8.33
N ARG C 74 9.08 -7.32 -7.22
CA ARG C 74 9.78 -8.37 -6.49
C ARG C 74 9.03 -8.70 -5.21
N LEU C 75 8.74 -9.99 -4.98
CA LEU C 75 8.14 -10.42 -3.72
C LEU C 75 9.05 -10.07 -2.56
N SER C 76 8.52 -9.40 -1.53
CA SER C 76 9.34 -9.09 -0.37
C SER C 76 8.94 -9.88 0.87
N SER C 77 7.92 -10.72 0.79
CA SER C 77 7.54 -11.52 1.96
C SER C 77 6.76 -12.72 1.47
N GLU C 78 6.61 -13.70 2.33
CA GLU C 78 5.59 -14.70 2.13
C GLU C 78 4.19 -14.13 2.40
N SER C 79 3.17 -14.90 2.06
CA SER C 79 1.82 -14.39 2.27
C SER C 79 1.54 -14.27 3.76
N HIS C 80 0.80 -13.25 4.14
CA HIS C 80 0.40 -13.19 5.53
C HIS C 80 -1.09 -12.97 5.60
N HIS C 81 -1.61 -13.35 6.75
CA HIS C 81 -3.03 -13.36 7.04
C HIS C 81 -3.29 -12.45 8.23
N GLY C 82 -4.55 -12.05 8.37
CA GLY C 82 -4.94 -11.19 9.45
C GLY C 82 -4.73 -9.73 9.10
N GLY C 83 -4.74 -8.90 10.12
CA GLY C 83 -4.65 -7.50 9.80
C GLY C 83 -5.88 -7.02 9.03
N SER C 84 -5.71 -5.92 8.34
CA SER C 84 -6.87 -5.35 7.71
C SER C 84 -7.00 -5.94 6.32
N PRO C 85 -8.19 -6.33 5.88
CA PRO C 85 -8.32 -6.95 4.56
C PRO C 85 -7.99 -5.97 3.45
N ILE C 86 -7.39 -6.49 2.39
CA ILE C 86 -7.32 -5.76 1.12
C ILE C 86 -8.64 -5.96 0.42
N HIS C 87 -9.34 -4.86 0.17
CA HIS C 87 -10.65 -4.90 -0.50
C HIS C 87 -10.45 -4.92 -2.02
N TRP C 88 -9.97 -6.07 -2.49
CA TRP C 88 -9.85 -6.30 -3.92
C TRP C 88 -11.21 -6.10 -4.61
N VAL C 89 -11.16 -5.63 -5.86
CA VAL C 89 -12.31 -5.72 -6.76
C VAL C 89 -12.45 -7.17 -7.19
N LEU C 90 -13.45 -7.86 -6.63
CA LEU C 90 -13.58 -9.30 -6.79
C LEU C 90 -14.24 -9.60 -8.13
N PRO C 91 -13.58 -10.32 -9.03
CA PRO C 91 -14.27 -10.74 -10.26
C PRO C 91 -15.47 -11.61 -9.94
N ALA C 92 -16.35 -11.73 -10.92
CA ALA C 92 -17.48 -12.63 -10.81
C ALA C 92 -17.00 -14.04 -10.53
N GLY C 93 -17.53 -14.64 -9.46
CA GLY C 93 -17.20 -16.01 -9.11
C GLY C 93 -16.02 -16.16 -8.18
N MET C 94 -15.31 -15.08 -7.87
CA MET C 94 -14.13 -15.18 -7.02
C MET C 94 -14.35 -14.35 -5.76
N SER C 95 -14.22 -14.99 -4.61
CA SER C 95 -14.49 -14.43 -3.31
C SER C 95 -13.22 -13.91 -2.63
N ALA C 96 -13.41 -13.12 -1.57
CA ALA C 96 -12.26 -12.70 -0.77
C ALA C 96 -11.54 -13.90 -0.17
N LYS C 97 -12.31 -14.90 0.29
CA LYS C 97 -11.71 -16.05 0.96
C LYS C 97 -10.74 -16.78 0.04
N MET C 98 -11.08 -16.90 -1.24
CA MET C 98 -10.22 -17.67 -2.13
C MET C 98 -9.01 -16.87 -2.62
N LEU C 99 -8.92 -15.58 -2.28
CA LEU C 99 -7.71 -14.79 -2.43
C LEU C 99 -6.95 -14.62 -1.11
N GLY C 100 -7.28 -15.40 -0.09
CA GLY C 100 -6.70 -15.17 1.22
C GLY C 100 -5.18 -15.19 1.16
N GLY C 101 -4.56 -14.34 1.96
CA GLY C 101 -3.12 -14.30 2.04
C GLY C 101 -2.60 -13.14 1.22
N VAL C 102 -1.90 -12.21 1.86
CA VAL C 102 -1.39 -11.03 1.20
C VAL C 102 0.14 -11.06 1.19
N PHE C 103 0.72 -11.05 -0.04
CA PHE C 103 2.16 -10.87 -0.20
C PHE C 103 2.51 -9.38 -0.20
N LYS C 104 3.62 -9.02 0.43
CA LYS C 104 4.21 -7.72 0.17
C LYS C 104 5.05 -7.80 -1.10
N ILE C 105 4.99 -6.76 -1.94
CA ILE C 105 5.82 -6.69 -3.14
C ILE C 105 6.42 -5.30 -3.24
N ASP C 106 7.63 -5.24 -3.81
CA ASP C 106 8.24 -3.96 -4.18
C ASP C 106 8.22 -3.82 -5.71
N TRP C 107 7.51 -2.82 -6.20
CA TRP C 107 7.47 -2.58 -7.63
C TRP C 107 8.84 -2.17 -8.14
N ILE C 108 9.21 -2.74 -9.28
CA ILE C 108 10.42 -2.40 -10.01
C ILE C 108 10.11 -1.48 -11.20
N CYS C 109 9.01 -1.74 -11.85
CA CYS C 109 8.53 -0.94 -12.97
C CYS C 109 7.03 -1.00 -12.94
N ARG C 110 6.40 0.17 -12.98
CA ARG C 110 4.95 0.27 -13.07
C ARG C 110 4.49 0.76 -14.45
N ARG C 111 5.40 0.77 -15.42
CA ARG C 111 5.12 1.16 -16.81
C ARG C 111 4.63 -0.04 -17.61
N GLU C 112 3.88 0.23 -18.66
CA GLU C 112 3.34 -0.80 -19.53
C GLU C 112 4.38 -1.25 -20.55
N LEU C 113 4.29 -2.52 -20.88
CA LEU C 113 4.98 -3.09 -22.06
C LEU C 113 3.94 -3.79 -22.93
N PRO C 114 3.70 -3.31 -24.14
CA PRO C 114 2.72 -4.00 -25.00
C PRO C 114 3.29 -5.31 -25.53
N PHE C 115 2.37 -6.25 -25.77
CA PHE C 115 2.74 -7.56 -26.27
C PHE C 115 3.43 -7.48 -27.62
N THR C 116 3.21 -6.40 -28.37
CA THR C 116 3.90 -6.22 -29.63
C THR C 116 5.41 -6.12 -29.43
N LYS C 117 5.86 -5.66 -28.26
CA LYS C 117 7.30 -5.54 -28.01
C LYS C 117 7.91 -6.79 -27.37
N SER C 118 7.10 -7.80 -27.05
CA SER C 118 7.64 -9.05 -26.52
C SER C 118 7.44 -10.18 -27.50
N ALA C 119 7.10 -9.86 -28.75
CA ALA C 119 6.69 -10.90 -29.69
C ALA C 119 7.84 -11.84 -30.08
N HIS C 120 9.09 -11.45 -29.85
CA HIS C 120 10.22 -12.34 -30.10
C HIS C 120 10.51 -13.28 -28.93
N LEU C 121 9.71 -13.26 -27.88
CA LEU C 121 10.02 -14.03 -26.68
C LEU C 121 8.97 -15.10 -26.51
N THR C 122 9.42 -16.33 -26.32
CA THR C 122 8.57 -17.45 -25.93
C THR C 122 9.12 -17.99 -24.62
N ASN C 123 8.25 -18.71 -23.92
CA ASN C 123 8.58 -19.30 -22.63
C ASN C 123 8.77 -20.80 -22.76
N PRO C 124 9.99 -21.33 -22.65
CA PRO C 124 10.14 -22.79 -22.79
C PRO C 124 9.46 -23.57 -21.68
N TRP C 125 9.13 -22.94 -20.55
CA TRP C 125 8.48 -23.64 -19.45
C TRP C 125 6.96 -23.74 -19.63
N ASN C 126 6.43 -23.21 -20.72
CA ASN C 126 5.03 -23.35 -21.05
C ASN C 126 4.89 -23.75 -22.54
N GLU C 127 5.47 -24.89 -22.92
CA GLU C 127 5.25 -25.44 -24.26
C GLU C 127 5.84 -24.56 -25.36
N HIS C 128 6.76 -23.65 -25.03
CA HIS C 128 7.38 -22.74 -26.00
C HIS C 128 6.35 -21.82 -26.65
N LYS C 129 5.30 -21.52 -25.96
CA LYS C 129 4.36 -20.50 -26.41
C LYS C 129 4.86 -19.08 -26.12
N PRO C 130 4.48 -18.10 -26.97
CA PRO C 130 4.76 -16.69 -26.67
C PRO C 130 4.57 -16.39 -25.20
N VAL C 131 5.47 -15.58 -24.63
CA VAL C 131 5.49 -15.43 -23.18
C VAL C 131 4.25 -14.68 -22.69
N LYS C 132 3.60 -13.91 -23.56
CA LYS C 132 2.31 -13.29 -23.24
C LYS C 132 1.22 -14.32 -22.96
N ILE C 133 1.41 -15.57 -23.38
CA ILE C 133 0.41 -16.62 -23.19
C ILE C 133 0.75 -17.38 -21.92
N GLY C 134 -0.26 -17.49 -21.04
CA GLY C 134 -0.03 -18.09 -19.74
C GLY C 134 -1.17 -17.87 -18.79
N ARG C 135 -1.45 -18.91 -18.01
CA ARG C 135 -2.38 -18.81 -16.92
C ARG C 135 -1.70 -18.06 -15.79
N ASP C 136 -2.50 -17.45 -14.92
CA ASP C 136 -2.01 -16.87 -13.68
C ASP C 136 -1.08 -17.83 -12.94
N GLY C 137 0.12 -17.35 -12.61
CA GLY C 137 1.10 -18.12 -11.85
C GLY C 137 2.10 -18.91 -12.68
N GLN C 138 1.94 -18.92 -13.99
CA GLN C 138 2.85 -19.65 -14.87
C GLN C 138 4.29 -19.19 -14.64
N GLU C 139 5.17 -20.13 -14.33
CA GLU C 139 6.56 -19.75 -14.18
C GLU C 139 7.20 -19.50 -15.55
N ILE C 140 8.12 -18.56 -15.57
CA ILE C 140 8.78 -18.15 -16.82
C ILE C 140 10.25 -18.52 -16.74
N GLU C 141 10.74 -19.19 -17.78
CA GLU C 141 12.14 -19.59 -17.87
C GLU C 141 13.05 -18.39 -17.67
N LEU C 142 14.23 -18.67 -17.11
CA LEU C 142 15.08 -17.63 -16.53
C LEU C 142 15.51 -16.59 -17.56
N GLU C 143 16.02 -17.04 -18.70
CA GLU C 143 16.47 -16.09 -19.71
C GLU C 143 15.30 -15.34 -20.34
N CYS C 144 14.20 -16.02 -20.65
CA CYS C 144 13.00 -15.36 -21.14
C CYS C 144 12.55 -14.27 -20.17
N GLY C 145 12.48 -14.59 -18.88
CA GLY C 145 11.94 -13.64 -17.91
C GLY C 145 12.85 -12.45 -17.71
N THR C 146 14.16 -12.69 -17.68
CA THR C 146 15.12 -11.60 -17.60
C THR C 146 14.95 -10.65 -18.77
N GLN C 147 14.80 -11.21 -19.97
CA GLN C 147 14.71 -10.37 -21.15
C GLN C 147 13.38 -9.61 -21.17
N LEU C 148 12.31 -10.25 -20.72
CA LEU C 148 11.02 -9.57 -20.62
C LEU C 148 11.10 -8.39 -19.65
N CYS C 149 11.75 -8.58 -18.49
CA CYS C 149 11.89 -7.47 -17.55
C CYS C 149 12.74 -6.34 -18.12
N LEU C 150 13.76 -6.68 -18.90
CA LEU C 150 14.67 -5.68 -19.47
C LEU C 150 14.03 -4.92 -20.63
N LEU C 151 12.92 -5.41 -21.19
CA LEU C 151 12.22 -4.68 -22.24
C LEU C 151 11.41 -3.49 -21.73
N PHE C 152 11.03 -3.47 -20.44
CA PHE C 152 10.15 -2.43 -19.94
C PHE C 152 10.87 -1.09 -19.97
N PRO C 153 10.13 0.01 -20.18
CA PRO C 153 10.75 1.32 -20.10
C PRO C 153 11.18 1.60 -18.67
N PRO C 154 12.13 2.47 -18.48
CA PRO C 154 12.53 2.80 -17.10
C PRO C 154 11.38 3.50 -16.42
N ASP C 155 11.31 3.31 -15.10
CA ASP C 155 10.27 3.91 -14.27
C ASP C 155 11.03 4.88 -13.38
N GLU C 156 11.05 6.16 -13.75
CA GLU C 156 11.90 7.09 -13.02
C GLU C 156 11.37 7.35 -11.60
N SER C 157 10.09 7.06 -11.33
CA SER C 157 9.55 7.21 -9.97
C SER C 157 10.15 6.19 -9.00
N ILE C 158 10.46 4.98 -9.48
CA ILE C 158 10.95 3.89 -8.64
C ILE C 158 12.39 4.13 -8.22
N ASP C 159 12.69 3.90 -6.95
CA ASP C 159 14.04 3.95 -6.42
C ASP C 159 14.46 2.53 -6.03
N LEU C 160 15.39 1.95 -6.79
CA LEU C 160 15.79 0.58 -6.46
C LEU C 160 16.59 0.47 -5.17
N TYR C 161 16.94 1.60 -4.53
CA TYR C 161 17.65 1.57 -3.27
C TYR C 161 16.97 0.66 -2.27
N GLN C 162 15.72 0.98 -1.91
CA GLN C 162 15.01 0.19 -0.91
C GLN C 162 14.98 -1.29 -1.30
N VAL C 163 14.89 -1.56 -2.61
CA VAL C 163 14.73 -2.94 -3.08
C VAL C 163 16.01 -3.72 -2.87
N ILE C 164 17.13 -3.17 -3.34
CA ILE C 164 18.43 -3.80 -3.12
C ILE C 164 18.75 -3.88 -1.63
N HIS C 165 18.27 -2.91 -0.84
CA HIS C 165 18.47 -2.95 0.61
C HIS C 165 17.94 -4.26 1.19
N LYS C 166 16.67 -4.56 0.96
CA LYS C 166 16.05 -5.79 1.46
C LYS C 166 16.77 -7.07 1.01
N MET C 167 17.81 -6.96 0.19
CA MET C 167 18.61 -8.15 -0.17
C MET C 167 20.06 -8.03 0.30
N GLY D 4 23.76 -12.76 22.30
CA GLY D 4 23.22 -14.05 22.70
C GLY D 4 22.25 -13.96 23.87
N THR D 5 22.12 -15.11 24.55
CA THR D 5 21.10 -15.31 25.57
C THR D 5 21.38 -14.50 26.84
N SER D 6 22.64 -14.32 27.20
CA SER D 6 22.95 -13.61 28.42
C SER D 6 22.72 -12.11 28.26
N LYS D 7 23.07 -11.58 27.09
CA LYS D 7 22.76 -10.19 26.79
C LYS D 7 21.25 -9.98 26.81
N LEU D 8 20.50 -10.84 26.10
CA LEU D 8 19.04 -10.80 26.16
C LEU D 8 18.52 -10.87 27.60
N LYS D 9 19.00 -11.84 28.37
CA LYS D 9 18.56 -11.95 29.75
C LYS D 9 18.79 -10.64 30.51
N TYR D 10 19.92 -9.97 30.25
CA TYR D 10 20.18 -8.69 30.91
C TYR D 10 19.08 -7.70 30.58
N VAL D 11 18.61 -7.74 29.33
CA VAL D 11 17.59 -6.78 28.92
C VAL D 11 16.26 -7.13 29.56
N LEU D 12 15.99 -8.42 29.74
CA LEU D 12 14.73 -8.90 30.27
C LEU D 12 14.68 -8.93 31.79
N GLN D 13 15.80 -8.68 32.46
CA GLN D 13 15.84 -8.85 33.91
C GLN D 13 14.84 -7.91 34.60
N ASP D 14 13.97 -8.48 35.44
CA ASP D 14 12.96 -7.76 36.19
C ASP D 14 12.08 -6.92 35.26
N ALA D 15 11.91 -7.37 34.03
CA ALA D 15 11.09 -6.62 33.11
C ALA D 15 9.60 -6.85 33.38
N ARG D 16 8.79 -5.89 32.92
CA ARG D 16 7.37 -6.12 32.73
C ARG D 16 7.12 -6.30 31.24
N PHE D 17 6.22 -7.24 30.92
CA PHE D 17 5.95 -7.70 29.56
C PHE D 17 4.49 -7.39 29.21
N PHE D 18 4.25 -6.80 28.04
CA PHE D 18 2.90 -6.52 27.56
C PHE D 18 2.70 -7.03 26.13
N LEU D 19 1.62 -7.78 25.93
CA LEU D 19 1.15 -8.13 24.61
C LEU D 19 0.64 -6.88 23.91
N ILE D 20 1.16 -6.63 22.71
CA ILE D 20 0.74 -5.50 21.90
C ILE D 20 0.04 -6.06 20.69
N LYS D 21 -1.19 -5.61 20.45
CA LYS D 21 -1.98 -6.05 19.31
C LYS D 21 -2.15 -4.91 18.34
N SER D 22 -2.15 -5.27 17.05
CA SER D 22 -2.39 -4.34 15.98
C SER D 22 -3.50 -4.93 15.12
N ASN D 23 -4.46 -4.09 14.74
CA ASN D 23 -5.48 -4.54 13.82
C ASN D 23 -4.98 -4.64 12.37
N ASN D 24 -3.77 -4.15 12.05
CA ASN D 24 -3.23 -4.28 10.69
CA ASN D 24 -3.24 -4.27 10.70
C ASN D 24 -1.74 -4.55 10.73
N HIS D 25 -1.23 -5.13 9.62
CA HIS D 25 0.20 -5.42 9.51
C HIS D 25 0.99 -4.14 9.28
N GLU D 26 0.37 -3.17 8.61
CA GLU D 26 1.06 -1.96 8.17
C GLU D 26 1.70 -1.17 9.32
N ASN D 27 1.00 -1.05 10.43
CA ASN D 27 1.57 -0.27 11.52
C ASN D 27 2.74 -0.96 12.18
N VAL D 28 2.72 -2.29 12.21
CA VAL D 28 3.87 -3.03 12.75
C VAL D 28 5.07 -2.89 11.83
N SER D 29 4.84 -2.87 10.51
CA SER D 29 5.95 -2.61 9.59
C SER D 29 6.48 -1.20 9.79
N LEU D 30 5.58 -0.23 9.92
CA LEU D 30 6.00 1.13 10.18
C LEU D 30 6.78 1.20 11.48
N ALA D 31 6.30 0.51 12.51
CA ALA D 31 6.95 0.56 13.83
C ALA D 31 8.35 -0.05 13.77
N LYS D 32 8.49 -1.15 13.03
CA LYS D 32 9.79 -1.78 12.85
C LYS D 32 10.74 -0.85 12.13
N ALA D 33 10.24 -0.10 11.16
CA ALA D 33 11.10 0.75 10.37
C ALA D 33 11.45 2.06 11.08
N LYS D 34 10.54 2.58 11.90
CA LYS D 34 10.75 3.89 12.49
C LYS D 34 11.02 3.85 14.00
N GLY D 35 10.91 2.70 14.66
CA GLY D 35 11.24 2.62 16.08
C GLY D 35 10.31 3.42 16.96
N VAL D 36 9.01 3.36 16.68
CA VAL D 36 8.01 4.07 17.46
C VAL D 36 6.75 3.22 17.55
N TRP D 37 5.94 3.51 18.55
CA TRP D 37 4.65 2.86 18.67
C TRP D 37 3.66 3.82 19.31
N SER D 38 2.39 3.59 19.00
CA SER D 38 1.27 4.27 19.63
C SER D 38 0.23 3.23 20.00
N THR D 39 -0.48 3.50 21.09
CA THR D 39 -1.58 2.63 21.51
C THR D 39 -2.74 3.50 21.95
N LEU D 40 -3.85 2.87 22.25
CA LEU D 40 -5.04 3.60 22.63
C LEU D 40 -4.95 4.06 24.08
N PRO D 41 -5.87 4.92 24.54
CA PRO D 41 -5.58 5.68 25.78
C PRO D 41 -5.44 4.84 27.03
N VAL D 42 -6.25 3.81 27.26
CA VAL D 42 -6.06 2.97 28.44
C VAL D 42 -4.64 2.43 28.49
N ASN D 43 -4.17 1.86 27.37
CA ASN D 43 -2.85 1.25 27.38
C ASN D 43 -1.74 2.28 27.32
N GLU D 44 -2.01 3.49 26.81
CA GLU D 44 -0.99 4.53 26.89
C GLU D 44 -0.69 4.87 28.35
N LYS D 45 -1.73 5.13 29.14
CA LYS D 45 -1.52 5.34 30.58
C LYS D 45 -0.78 4.15 31.22
N LYS D 46 -1.19 2.94 30.89
CA LYS D 46 -0.57 1.74 31.48
C LYS D 46 0.92 1.71 31.20
N LEU D 47 1.31 1.98 29.95
CA LEU D 47 2.70 1.81 29.54
C LEU D 47 3.56 2.95 30.08
N ASN D 48 3.02 4.16 30.14
CA ASN D 48 3.78 5.27 30.72
C ASN D 48 4.11 4.98 32.18
N LEU D 49 3.14 4.46 32.94
CA LEU D 49 3.38 4.12 34.34
C LEU D 49 4.38 2.98 34.46
N ALA D 50 4.16 1.91 33.69
CA ALA D 50 5.12 0.82 33.72
C ALA D 50 6.53 1.31 33.39
N PHE D 51 6.65 2.19 32.39
CA PHE D 51 7.95 2.66 31.99
C PHE D 51 8.68 3.32 33.15
N ARG D 52 8.00 4.22 33.86
CA ARG D 52 8.64 5.00 34.91
C ARG D 52 9.00 4.13 36.10
N SER D 53 8.43 2.94 36.19
CA SER D 53 8.50 2.14 37.39
C SER D 53 9.24 0.81 37.24
N ALA D 54 9.47 0.32 36.03
CA ALA D 54 10.17 -0.95 35.83
C ALA D 54 11.50 -0.68 35.16
N ARG D 55 12.50 -1.54 35.41
CA ARG D 55 13.78 -1.28 34.76
C ARG D 55 13.71 -1.49 33.26
N SER D 56 12.85 -2.41 32.79
CA SER D 56 12.57 -2.62 31.38
C SER D 56 11.09 -2.92 31.18
N VAL D 57 10.49 -2.32 30.15
CA VAL D 57 9.16 -2.71 29.70
C VAL D 57 9.33 -3.28 28.30
N ILE D 58 8.84 -4.50 28.10
CA ILE D 58 9.03 -5.25 26.87
C ILE D 58 7.69 -5.42 26.18
N LEU D 59 7.63 -5.03 24.91
CA LEU D 59 6.43 -5.09 24.10
C LEU D 59 6.55 -6.27 23.15
N ILE D 60 5.62 -7.21 23.23
CA ILE D 60 5.59 -8.37 22.35
C ILE D 60 4.42 -8.17 21.39
N PHE D 61 4.75 -8.00 20.10
CA PHE D 61 3.79 -7.62 19.06
C PHE D 61 3.15 -8.81 18.37
N SER D 62 1.85 -8.71 18.14
CA SER D 62 1.14 -9.74 17.40
C SER D 62 -0.02 -9.08 16.67
N VAL D 63 0.03 -9.13 15.34
CA VAL D 63 -1.08 -8.63 14.54
C VAL D 63 -2.31 -9.51 14.73
N ARG D 64 -3.46 -8.85 14.86
CA ARG D 64 -4.71 -9.54 15.11
C ARG D 64 -5.04 -10.48 13.98
N GLU D 65 -5.40 -11.71 14.33
CA GLU D 65 -5.89 -12.74 13.42
C GLU D 65 -4.78 -13.26 12.51
N SER D 66 -3.53 -12.90 12.80
CA SER D 66 -2.40 -13.24 11.95
C SER D 66 -1.74 -14.57 12.29
N GLY D 67 -2.05 -15.15 13.44
CA GLY D 67 -1.47 -16.42 13.81
C GLY D 67 -0.04 -16.37 14.31
N LYS D 68 0.56 -15.19 14.45
CA LYS D 68 1.97 -15.13 14.81
C LYS D 68 2.20 -13.94 15.74
N PHE D 69 3.35 -13.96 16.41
CA PHE D 69 3.99 -12.74 16.90
C PHE D 69 4.97 -12.26 15.83
N GLN D 70 5.09 -10.96 15.68
CA GLN D 70 5.97 -10.40 14.68
C GLN D 70 7.27 -9.85 15.25
N GLY D 71 7.53 -10.03 16.56
CA GLY D 71 8.77 -9.53 17.14
C GLY D 71 8.55 -8.93 18.52
N PHE D 72 9.61 -8.42 19.15
CA PHE D 72 9.43 -7.71 20.42
C PHE D 72 10.48 -6.62 20.58
N ALA D 73 10.12 -5.61 21.39
CA ALA D 73 10.90 -4.40 21.52
C ALA D 73 10.92 -3.97 22.98
N ARG D 74 11.88 -3.09 23.31
CA ARG D 74 11.91 -2.43 24.60
C ARG D 74 11.37 -1.01 24.50
N LEU D 75 10.53 -0.64 25.46
CA LEU D 75 10.05 0.73 25.54
C LEU D 75 11.22 1.65 25.88
N SER D 76 11.39 2.72 25.10
CA SER D 76 12.54 3.60 25.31
C SER D 76 12.16 4.97 25.83
N SER D 77 10.87 5.31 25.83
CA SER D 77 10.42 6.60 26.32
C SER D 77 8.98 6.46 26.80
N GLU D 78 8.55 7.40 27.63
CA GLU D 78 7.13 7.68 27.74
C GLU D 78 6.63 8.25 26.41
N SER D 79 5.30 8.36 26.30
CA SER D 79 4.72 8.86 25.06
C SER D 79 4.92 10.37 24.93
N HIS D 80 5.17 10.80 23.70
CA HIS D 80 5.43 12.18 23.32
C HIS D 80 4.28 12.63 22.42
N HIS D 81 3.65 13.75 22.73
CA HIS D 81 2.64 14.34 21.86
C HIS D 81 3.23 15.52 21.10
N GLY D 82 2.86 15.64 19.83
CA GLY D 82 3.29 16.76 19.01
C GLY D 82 4.71 16.68 18.51
N GLY D 83 5.22 15.48 18.26
CA GLY D 83 6.50 15.31 17.59
C GLY D 83 6.32 15.13 16.09
N SER D 84 7.40 14.66 15.44
CA SER D 84 7.32 14.24 14.04
C SER D 84 6.23 13.19 13.93
N PRO D 85 5.00 13.56 13.51
CA PRO D 85 3.85 12.65 13.65
C PRO D 85 3.93 11.40 12.80
N ILE D 86 2.94 10.50 12.91
CA ILE D 86 3.01 9.18 12.29
C ILE D 86 1.73 8.92 11.53
N HIS D 87 1.87 8.49 10.28
CA HIS D 87 0.71 8.11 9.46
C HIS D 87 0.29 6.70 9.81
N TRP D 88 -0.19 6.54 11.05
CA TRP D 88 -0.73 5.23 11.40
C TRP D 88 -1.93 4.94 10.52
N VAL D 89 -2.08 3.68 10.11
CA VAL D 89 -3.37 3.21 9.62
C VAL D 89 -4.30 3.06 10.82
N LEU D 90 -5.41 3.77 10.81
CA LEU D 90 -6.20 3.96 12.03
C LEU D 90 -7.12 2.77 12.27
N PRO D 91 -7.18 2.23 13.50
CA PRO D 91 -8.22 1.23 13.79
C PRO D 91 -9.59 1.71 13.34
N ALA D 92 -10.48 0.77 13.02
CA ALA D 92 -11.85 1.11 12.68
C ALA D 92 -12.45 2.00 13.76
N GLY D 93 -12.99 3.15 13.33
CA GLY D 93 -13.66 4.07 14.22
C GLY D 93 -12.75 4.97 15.03
N MET D 94 -11.44 4.80 14.96
CA MET D 94 -10.53 5.57 15.81
C MET D 94 -9.96 6.73 14.99
N SER D 95 -9.71 7.85 15.67
CA SER D 95 -9.02 8.98 15.08
C SER D 95 -7.53 8.95 15.41
N ALA D 96 -6.75 9.72 14.63
CA ALA D 96 -5.34 9.88 14.97
C ALA D 96 -5.17 10.28 16.43
N LYS D 97 -6.11 11.06 16.96
CA LYS D 97 -5.96 11.56 18.32
C LYS D 97 -6.15 10.45 19.36
N MET D 98 -6.93 9.42 19.05
CA MET D 98 -7.01 8.26 19.92
C MET D 98 -5.66 7.56 20.05
N LEU D 99 -4.82 7.61 19.02
CA LEU D 99 -3.51 6.98 19.13
C LEU D 99 -2.51 7.90 19.80
N GLY D 100 -2.77 9.20 19.73
CA GLY D 100 -2.21 10.13 20.69
C GLY D 100 -0.70 10.16 20.82
N GLY D 101 -0.20 9.67 21.94
CA GLY D 101 1.22 9.76 22.19
C GLY D 101 2.03 8.75 21.39
N VAL D 102 3.27 9.14 21.12
CA VAL D 102 4.21 8.32 20.34
C VAL D 102 5.33 7.91 21.29
N PHE D 103 5.40 6.63 21.61
CA PHE D 103 6.51 6.07 22.35
C PHE D 103 7.67 5.76 21.43
N LYS D 104 8.90 5.98 21.91
CA LYS D 104 10.07 5.44 21.24
C LYS D 104 10.25 3.99 21.68
N ILE D 105 10.58 3.11 20.74
CA ILE D 105 10.81 1.72 21.09
C ILE D 105 12.10 1.27 20.44
N ASP D 106 12.73 0.27 21.04
CA ASP D 106 14.00 -0.26 20.58
C ASP D 106 13.80 -1.74 20.28
N TRP D 107 13.76 -2.07 19.00
CA TRP D 107 13.48 -3.44 18.62
C TRP D 107 14.59 -4.38 19.09
N ILE D 108 14.17 -5.49 19.67
CA ILE D 108 15.08 -6.54 20.10
C ILE D 108 15.11 -7.69 19.12
N CYS D 109 13.94 -8.02 18.56
CA CYS D 109 13.81 -9.07 17.56
C CYS D 109 12.66 -8.68 16.64
N ARG D 110 12.97 -8.59 15.36
CA ARG D 110 11.98 -8.28 14.35
C ARG D 110 11.58 -9.52 13.57
N ARG D 111 12.07 -10.67 13.98
CA ARG D 111 11.70 -11.92 13.35
C ARG D 111 10.42 -12.42 13.98
N GLU D 112 9.67 -13.15 13.17
CA GLU D 112 8.38 -13.68 13.54
C GLU D 112 8.50 -14.95 14.37
N LEU D 113 7.43 -15.21 15.09
CA LEU D 113 7.26 -16.42 15.85
C LEU D 113 5.83 -16.87 15.64
N PRO D 114 5.61 -17.99 14.95
CA PRO D 114 4.25 -18.51 14.79
C PRO D 114 3.70 -19.00 16.12
N PHE D 115 2.38 -18.81 16.29
CA PHE D 115 1.73 -19.29 17.50
C PHE D 115 1.98 -20.77 17.74
N THR D 116 2.28 -21.54 16.68
CA THR D 116 2.54 -22.98 16.85
C THR D 116 3.63 -23.22 17.87
N LYS D 117 4.67 -22.39 17.85
CA LYS D 117 5.82 -22.61 18.75
C LYS D 117 5.56 -22.14 20.17
N SER D 118 4.68 -21.14 20.37
CA SER D 118 4.27 -20.69 21.69
C SER D 118 3.11 -21.51 22.24
N ALA D 119 2.63 -22.47 21.46
CA ALA D 119 1.46 -23.27 21.81
C ALA D 119 1.48 -23.77 23.23
N HIS D 120 2.66 -24.06 23.77
CA HIS D 120 2.79 -24.72 25.06
C HIS D 120 2.88 -23.72 26.22
N LEU D 121 2.99 -22.43 25.93
CA LEU D 121 3.18 -21.41 26.96
C LEU D 121 1.84 -20.79 27.32
N THR D 122 1.55 -20.73 28.62
CA THR D 122 0.34 -20.17 29.18
C THR D 122 0.68 -19.04 30.13
N ASN D 123 -0.22 -18.03 30.15
CA ASN D 123 -0.06 -16.79 30.88
C ASN D 123 -0.89 -16.84 32.16
N PRO D 124 -0.27 -17.04 33.33
CA PRO D 124 -1.07 -17.09 34.58
C PRO D 124 -1.79 -15.79 34.91
N TRP D 125 -1.34 -14.64 34.39
CA TRP D 125 -2.06 -13.41 34.62
C TRP D 125 -3.21 -13.22 33.64
N ASN D 126 -3.49 -14.23 32.82
CA ASN D 126 -4.69 -14.24 31.98
C ASN D 126 -5.33 -15.63 32.07
N GLU D 127 -5.63 -16.07 33.30
CA GLU D 127 -6.43 -17.28 33.50
C GLU D 127 -5.72 -18.52 32.94
N HIS D 128 -4.39 -18.50 32.88
CA HIS D 128 -3.61 -19.62 32.34
C HIS D 128 -4.00 -19.92 30.92
N LYS D 129 -4.48 -18.91 30.20
CA LYS D 129 -4.76 -19.08 28.78
C LYS D 129 -3.44 -19.11 28.01
N PRO D 130 -3.38 -19.81 26.88
CA PRO D 130 -2.20 -19.73 26.01
C PRO D 130 -1.84 -18.28 25.73
N VAL D 131 -0.54 -18.00 25.84
CA VAL D 131 -0.06 -16.63 25.84
C VAL D 131 -0.47 -15.88 24.60
N LYS D 132 -0.79 -16.60 23.52
CA LYS D 132 -1.27 -15.96 22.30
C LYS D 132 -2.60 -15.26 22.50
N ILE D 133 -3.38 -15.66 23.51
CA ILE D 133 -4.68 -15.05 23.79
C ILE D 133 -4.51 -13.84 24.70
N GLY D 134 -4.96 -12.69 24.22
CA GLY D 134 -4.94 -11.49 25.03
C GLY D 134 -5.33 -10.27 24.23
N ARG D 135 -6.05 -9.36 24.88
CA ARG D 135 -6.29 -8.08 24.27
C ARG D 135 -5.00 -7.30 24.19
N ASP D 136 -5.02 -6.25 23.38
CA ASP D 136 -3.95 -5.26 23.39
C ASP D 136 -3.64 -4.83 24.82
N GLY D 137 -2.36 -4.81 25.16
CA GLY D 137 -1.94 -4.38 26.48
C GLY D 137 -2.02 -5.43 27.56
N GLN D 138 -2.41 -6.65 27.25
CA GLN D 138 -2.50 -7.70 28.26
C GLN D 138 -1.13 -7.96 28.88
N GLU D 139 -1.04 -7.84 30.20
CA GLU D 139 0.25 -8.04 30.84
C GLU D 139 0.56 -9.53 30.95
N ILE D 140 1.84 -9.86 30.77
CA ILE D 140 2.31 -11.24 30.78
C ILE D 140 3.21 -11.42 31.99
N GLU D 141 2.93 -12.45 32.77
CA GLU D 141 3.74 -12.77 33.95
C GLU D 141 5.21 -12.95 33.59
N LEU D 142 6.10 -12.58 34.53
CA LEU D 142 7.53 -12.46 34.23
C LEU D 142 8.11 -13.71 33.56
N GLU D 143 7.85 -14.88 34.14
CA GLU D 143 8.47 -16.12 33.68
C GLU D 143 7.93 -16.52 32.32
N CYS D 144 6.61 -16.49 32.17
CA CYS D 144 5.99 -16.75 30.87
C CYS D 144 6.53 -15.78 29.82
N GLY D 145 6.60 -14.49 30.19
CA GLY D 145 7.07 -13.50 29.25
C GLY D 145 8.53 -13.69 28.87
N THR D 146 9.39 -13.93 29.88
CA THR D 146 10.79 -14.22 29.59
C THR D 146 10.91 -15.40 28.63
N GLN D 147 10.19 -16.49 28.88
CA GLN D 147 10.30 -17.66 28.00
C GLN D 147 9.81 -17.38 26.59
N LEU D 148 8.70 -16.66 26.44
CA LEU D 148 8.20 -16.32 25.13
C LEU D 148 9.25 -15.56 24.34
N CYS D 149 9.93 -14.60 24.98
CA CYS D 149 10.95 -13.86 24.26
C CYS D 149 12.11 -14.78 23.85
N LEU D 150 12.38 -15.80 24.63
CA LEU D 150 13.50 -16.68 24.32
C LEU D 150 13.19 -17.64 23.19
N LEU D 151 11.91 -17.79 22.86
CA LEU D 151 11.51 -18.62 21.73
C LEU D 151 11.88 -17.99 20.39
N PHE D 152 11.94 -16.68 20.35
CA PHE D 152 12.18 -16.02 19.08
C PHE D 152 13.55 -16.43 18.55
N PRO D 153 13.68 -16.64 17.25
CA PRO D 153 15.01 -16.87 16.67
C PRO D 153 15.87 -15.66 16.84
N PRO D 154 17.19 -15.82 16.92
CA PRO D 154 18.08 -14.66 16.98
C PRO D 154 17.98 -13.82 15.73
N ASP D 155 17.96 -12.50 15.92
CA ASP D 155 17.81 -11.54 14.84
C ASP D 155 19.20 -10.95 14.59
N GLU D 156 19.86 -11.46 13.55
CA GLU D 156 21.22 -11.05 13.26
C GLU D 156 21.30 -9.60 12.81
N SER D 157 20.16 -8.98 12.49
CA SER D 157 20.19 -7.60 12.06
C SER D 157 20.13 -6.64 13.23
N ILE D 158 20.06 -7.16 14.46
CA ILE D 158 19.96 -6.37 15.68
C ILE D 158 21.07 -6.82 16.61
N ASP D 159 21.96 -5.91 16.95
CA ASP D 159 23.04 -6.28 17.86
C ASP D 159 22.58 -5.83 19.25
N LEU D 160 22.52 -6.79 20.16
CA LEU D 160 21.96 -6.51 21.48
C LEU D 160 22.81 -5.53 22.28
N TYR D 161 24.11 -5.44 21.97
CA TYR D 161 24.94 -4.48 22.68
C TYR D 161 24.48 -3.06 22.43
N GLN D 162 23.91 -2.76 21.24
CA GLN D 162 23.34 -1.41 21.07
C GLN D 162 21.98 -1.27 21.72
N VAL D 163 21.20 -2.35 21.80
CA VAL D 163 19.99 -2.26 22.61
C VAL D 163 20.36 -1.95 24.06
N ILE D 164 21.39 -2.63 24.57
CA ILE D 164 21.75 -2.45 25.97
C ILE D 164 22.25 -1.04 26.22
N HIS D 165 23.16 -0.56 25.36
CA HIS D 165 23.67 0.81 25.50
C HIS D 165 22.56 1.86 25.49
N LYS D 166 21.38 1.53 24.94
CA LYS D 166 20.26 2.47 24.90
C LYS D 166 19.49 2.53 26.22
N MET D 167 19.60 1.51 27.06
CA MET D 167 18.86 1.50 28.33
C MET D 167 19.43 2.48 29.35
N ARG D 168 18.53 3.02 30.17
CA ARG D 168 18.87 3.94 31.26
C ARG D 168 18.09 3.54 32.51
N HIS D 169 18.36 4.23 33.62
CA HIS D 169 17.81 3.85 34.92
C HIS D 169 16.45 4.50 35.17
#